data_6DYK
#
_entry.id   6DYK
#
_cell.length_a   48.919
_cell.length_b   98.690
_cell.length_c   178.990
_cell.angle_alpha   90.00
_cell.angle_beta   90.00
_cell.angle_gamma   90.00
#
_symmetry.space_group_name_H-M   'C 2 2 21'
#
loop_
_entity.id
_entity.type
_entity.pdbx_description
1 polymer 'Soluble cytochrome b562'
2 non-polymer 'FE (III) ION'
3 non-polymer 'NITRIC OXIDE'
4 water water
#
_entity_poly.entity_id   1
_entity_poly.type   'polypeptide(L)'
_entity_poly.pdbx_seq_one_letter_code
;ADLEDNWETLNDNLKVIEKADNAAQVKDALTKMRAAALDAQKATPPKLEDKSPDSPEMWDFRHGFDHLVYHIDDALKLAN
EGKVKEAQAAAEQLKCHRNAAIQKYL
;
_entity_poly.pdbx_strand_id   A,C,E,G
#
loop_
_chem_comp.id
_chem_comp.type
_chem_comp.name
_chem_comp.formula
FE non-polymer 'FE (III) ION' 'Fe 3'
NO non-polymer 'NITRIC OXIDE' 'N O'
#
# COMPACT_ATOMS: atom_id res chain seq x y z
N ALA A 1 33.09 -8.52 -7.26
CA ALA A 1 32.44 -9.81 -7.16
C ALA A 1 31.31 -9.96 -8.17
N ASP A 2 30.66 -11.12 -8.15
CA ASP A 2 29.59 -11.43 -9.08
C ASP A 2 28.39 -10.51 -8.86
N LEU A 3 27.45 -10.55 -9.81
CA LEU A 3 26.20 -9.82 -9.66
C LEU A 3 25.24 -10.56 -8.75
N GLU A 4 25.14 -11.88 -8.90
CA GLU A 4 24.32 -12.66 -7.99
C GLU A 4 24.87 -12.62 -6.57
N ASP A 5 26.18 -12.52 -6.42
CA ASP A 5 26.78 -12.43 -5.09
CA ASP A 5 26.77 -12.44 -5.09
C ASP A 5 26.44 -11.11 -4.42
N ASN A 6 26.60 -10.00 -5.15
CA ASN A 6 26.26 -8.69 -4.61
C ASN A 6 24.77 -8.60 -4.29
N TRP A 7 23.94 -9.25 -5.11
CA TRP A 7 22.51 -9.35 -4.81
C TRP A 7 22.28 -10.06 -3.48
N GLU A 8 23.04 -11.13 -3.22
CA GLU A 8 22.91 -11.85 -1.96
C GLU A 8 23.45 -11.02 -0.80
N THR A 9 24.53 -10.27 -1.02
CA THR A 9 25.06 -9.41 0.03
C THR A 9 24.06 -8.34 0.42
N LEU A 10 23.31 -7.81 -0.56
CA LEU A 10 22.28 -6.83 -0.27
C LEU A 10 21.12 -7.46 0.50
N ASN A 11 20.71 -8.67 0.14
CA ASN A 11 19.60 -9.32 0.82
C ASN A 11 19.97 -9.69 2.25
N ASP A 12 21.22 -10.11 2.47
CA ASP A 12 21.64 -10.48 3.82
C ASP A 12 21.67 -9.27 4.74
N ASN A 13 22.16 -8.12 4.26
CA ASN A 13 22.23 -6.94 5.10
C ASN A 13 20.86 -6.31 5.32
N LEU A 14 19.95 -6.48 4.37
CA LEU A 14 18.59 -6.01 4.57
C LEU A 14 17.89 -6.78 5.70
N LYS A 15 18.19 -8.07 5.83
CA LYS A 15 17.62 -8.85 6.93
C LYS A 15 18.23 -8.43 8.26
N VAL A 16 19.54 -8.15 8.28
CA VAL A 16 20.19 -7.67 9.50
C VAL A 16 19.55 -6.37 9.95
N ILE A 17 19.28 -5.46 9.01
CA ILE A 17 18.66 -4.17 9.36
C ILE A 17 17.26 -4.39 9.93
N GLU A 18 16.49 -5.29 9.31
CA GLU A 18 15.13 -5.55 9.77
C GLU A 18 15.13 -6.09 11.20
N LYS A 19 16.15 -6.85 11.58
CA LYS A 19 16.24 -7.44 12.91
C LYS A 19 17.01 -6.58 13.90
N ALA A 20 17.54 -5.44 13.45
CA ALA A 20 18.44 -4.66 14.29
C ALA A 20 17.69 -3.98 15.43
N ASP A 21 18.42 -3.71 16.51
CA ASP A 21 17.88 -3.01 17.67
C ASP A 21 18.43 -1.60 17.83
N ASN A 22 19.63 -1.31 17.34
CA ASN A 22 20.24 0.00 17.49
C ASN A 22 20.73 0.51 16.14
N ALA A 23 21.14 1.78 16.12
CA ALA A 23 21.51 2.44 14.88
C ALA A 23 22.87 2.00 14.36
N ALA A 24 23.80 1.65 15.27
CA ALA A 24 25.12 1.23 14.82
C ALA A 24 25.05 -0.07 14.04
N GLN A 25 24.13 -0.98 14.42
CA GLN A 25 23.94 -2.20 13.63
C GLN A 25 23.39 -1.87 12.25
N VAL A 26 22.43 -0.94 12.17
CA VAL A 26 21.89 -0.54 10.87
C VAL A 26 22.96 0.14 10.03
N LYS A 27 23.74 1.03 10.65
CA LYS A 27 24.78 1.76 9.92
C LYS A 27 25.82 0.82 9.33
N ASP A 28 26.21 -0.22 10.08
CA ASP A 28 27.19 -1.16 9.57
C ASP A 28 26.65 -1.97 8.39
N ALA A 29 25.39 -2.39 8.48
CA ALA A 29 24.79 -3.15 7.39
C ALA A 29 24.56 -2.29 6.16
N LEU A 30 24.14 -1.04 6.35
CA LEU A 30 23.98 -0.13 5.23
C LEU A 30 25.32 0.16 4.56
N THR A 31 26.38 0.31 5.38
CA THR A 31 27.71 0.55 4.83
C THR A 31 28.14 -0.56 3.89
N LYS A 32 27.88 -1.81 4.28
CA LYS A 32 28.22 -2.94 3.41
C LYS A 32 27.30 -3.01 2.19
N MET A 33 26.06 -2.53 2.33
CA MET A 33 25.16 -2.48 1.17
C MET A 33 25.69 -1.50 0.12
N ARG A 34 26.19 -0.35 0.56
CA ARG A 34 26.72 0.64 -0.37
C ARG A 34 27.90 0.08 -1.16
N ALA A 35 28.80 -0.63 -0.48
CA ALA A 35 29.96 -1.21 -1.15
C ALA A 35 29.53 -2.29 -2.15
N ALA A 36 28.55 -3.12 -1.77
CA ALA A 36 28.07 -4.15 -2.67
C ALA A 36 27.36 -3.55 -3.89
N ALA A 37 26.70 -2.41 -3.71
CA ALA A 37 26.04 -1.76 -4.84
C ALA A 37 27.07 -1.20 -5.81
N LEU A 38 28.09 -0.52 -5.30
CA LEU A 38 29.16 0.00 -6.16
C LEU A 38 29.95 -1.13 -6.80
N ASP A 39 30.02 -2.28 -6.14
CA ASP A 39 30.69 -3.44 -6.73
C ASP A 39 29.83 -4.05 -7.85
N ALA A 40 28.53 -4.20 -7.61
CA ALA A 40 27.65 -4.73 -8.64
C ALA A 40 27.57 -3.81 -9.84
N GLN A 41 27.80 -2.51 -9.64
CA GLN A 41 27.82 -1.56 -10.75
C GLN A 41 28.94 -1.88 -11.72
N LYS A 42 30.00 -2.53 -11.24
CA LYS A 42 31.11 -2.92 -12.12
C LYS A 42 30.85 -4.25 -12.83
N ALA A 43 29.94 -5.06 -12.32
CA ALA A 43 29.73 -6.42 -12.84
C ALA A 43 28.81 -6.38 -14.05
N THR A 44 29.34 -5.86 -15.14
CA THR A 44 28.58 -5.79 -16.39
C THR A 44 28.14 -7.19 -16.80
N PRO A 45 26.85 -7.41 -17.04
CA PRO A 45 26.37 -8.74 -17.41
C PRO A 45 26.94 -9.17 -18.75
N PRO A 46 27.06 -10.47 -18.99
CA PRO A 46 27.65 -10.94 -20.25
C PRO A 46 26.93 -10.44 -21.50
N LYS A 47 25.60 -10.24 -21.42
CA LYS A 47 24.87 -9.74 -22.59
C LYS A 47 25.23 -8.31 -22.94
N LEU A 48 25.75 -7.55 -21.99
CA LEU A 48 26.11 -6.15 -22.21
C LEU A 48 27.61 -5.92 -22.30
N GLU A 49 28.41 -7.00 -22.28
CA GLU A 49 29.86 -6.85 -22.17
C GLU A 49 30.44 -6.04 -23.32
N ASP A 50 29.91 -6.22 -24.52
CA ASP A 50 30.45 -5.56 -25.71
C ASP A 50 29.78 -4.22 -25.99
N LYS A 51 28.85 -3.79 -25.16
CA LYS A 51 28.25 -2.47 -25.33
C LYS A 51 29.24 -1.38 -24.90
N SER A 52 29.17 -0.24 -25.60
CA SER A 52 29.98 0.89 -25.22
C SER A 52 29.48 1.48 -23.90
N PRO A 53 30.38 2.06 -23.10
CA PRO A 53 29.92 2.72 -21.86
C PRO A 53 28.94 3.85 -22.11
N ASP A 54 29.00 4.47 -23.29
CA ASP A 54 28.06 5.52 -23.65
C ASP A 54 26.75 5.00 -24.22
N SER A 55 26.59 3.68 -24.31
CA SER A 55 25.36 3.12 -24.85
C SER A 55 24.19 3.34 -23.88
N PRO A 56 22.97 3.43 -24.40
CA PRO A 56 21.81 3.55 -23.50
C PRO A 56 21.63 2.33 -22.61
N GLU A 57 22.01 1.14 -23.08
CA GLU A 57 21.92 -0.06 -22.24
C GLU A 57 22.84 0.05 -21.04
N MET A 58 24.04 0.59 -21.24
CA MET A 58 24.97 0.75 -20.12
C MET A 58 24.62 1.94 -19.24
N TRP A 59 23.95 2.96 -19.79
CA TRP A 59 23.42 4.02 -18.96
C TRP A 59 22.39 3.47 -17.98
N ASP A 60 21.45 2.66 -18.48
CA ASP A 60 20.41 2.10 -17.64
C ASP A 60 20.99 1.18 -16.58
N PHE A 61 21.91 0.30 -16.98
CA PHE A 61 22.50 -0.64 -16.03
C PHE A 61 23.27 0.11 -14.94
N ARG A 62 24.08 1.10 -15.32
CA ARG A 62 24.90 1.82 -14.34
C ARG A 62 24.04 2.67 -13.42
N HIS A 63 23.06 3.38 -13.97
CA HIS A 63 22.32 4.35 -13.17
C HIS A 63 21.32 3.72 -12.24
N GLY A 64 20.94 2.46 -12.46
CA GLY A 64 20.14 1.75 -11.47
C GLY A 64 20.88 1.62 -10.15
N PHE A 65 22.19 1.40 -10.20
CA PHE A 65 22.98 1.32 -8.98
C PHE A 65 23.27 2.69 -8.39
N ASP A 66 23.43 3.71 -9.24
CA ASP A 66 23.50 5.08 -8.74
C ASP A 66 22.27 5.42 -7.91
N HIS A 67 21.09 5.01 -8.39
CA HIS A 67 19.87 5.31 -7.65
C HIS A 67 19.82 4.54 -6.33
N LEU A 68 20.19 3.27 -6.36
CA LEU A 68 20.26 2.48 -5.14
C LEU A 68 21.22 3.11 -4.13
N VAL A 69 22.40 3.53 -4.59
CA VAL A 69 23.39 4.12 -3.70
C VAL A 69 22.87 5.42 -3.11
N TYR A 70 22.18 6.22 -3.92
CA TYR A 70 21.62 7.49 -3.44
C TYR A 70 20.74 7.27 -2.21
N HIS A 71 19.88 6.26 -2.26
CA HIS A 71 18.94 6.05 -1.17
C HIS A 71 19.56 5.25 -0.03
N ILE A 72 20.60 4.44 -0.30
CA ILE A 72 21.41 3.91 0.78
C ILE A 72 22.06 5.04 1.56
N ASP A 73 22.55 6.06 0.86
CA ASP A 73 23.15 7.21 1.53
C ASP A 73 22.12 7.96 2.36
N ASP A 74 20.91 8.13 1.84
CA ASP A 74 19.84 8.76 2.62
C ASP A 74 19.53 7.95 3.86
N ALA A 75 19.50 6.62 3.75
CA ALA A 75 19.29 5.77 4.91
C ALA A 75 20.45 5.89 5.89
N LEU A 76 21.67 6.06 5.38
CA LEU A 76 22.82 6.21 6.26
C LEU A 76 22.73 7.51 7.07
N LYS A 77 22.17 8.57 6.49
CA LYS A 77 21.98 9.80 7.24
C LYS A 77 21.04 9.59 8.41
N LEU A 78 20.00 8.77 8.22
CA LEU A 78 19.08 8.48 9.32
C LEU A 78 19.76 7.63 10.39
N ALA A 79 20.56 6.64 9.97
CA ALA A 79 21.25 5.80 10.94
C ALA A 79 22.29 6.59 11.72
N ASN A 80 22.98 7.53 11.06
CA ASN A 80 24.00 8.32 11.74
C ASN A 80 23.38 9.24 12.79
N GLU A 81 22.12 9.65 12.60
CA GLU A 81 21.41 10.47 13.57
C GLU A 81 20.70 9.64 14.63
N GLY A 82 20.95 8.34 14.69
CA GLY A 82 20.35 7.50 15.71
C GLY A 82 18.89 7.17 15.52
N LYS A 83 18.31 7.51 14.37
CA LYS A 83 16.90 7.20 14.09
C LYS A 83 16.82 5.77 13.54
N VAL A 84 16.79 4.81 14.46
CA VAL A 84 16.81 3.40 14.08
C VAL A 84 15.55 3.04 13.30
N LYS A 85 14.38 3.32 13.87
CA LYS A 85 13.14 2.88 13.24
C LYS A 85 12.90 3.60 11.91
N GLU A 86 13.34 4.85 11.78
CA GLU A 86 13.20 5.55 10.51
C GLU A 86 14.17 5.00 9.48
N ALA A 87 15.40 4.71 9.90
CA ALA A 87 16.36 4.11 8.99
C ALA A 87 15.92 2.73 8.55
N GLN A 88 15.27 1.97 9.43
CA GLN A 88 14.75 0.67 9.05
C GLN A 88 13.61 0.78 8.05
N ALA A 89 12.80 1.84 8.15
CA ALA A 89 11.73 2.04 7.18
C ALA A 89 12.29 2.45 5.83
N ALA A 90 13.34 3.27 5.83
CA ALA A 90 14.00 3.62 4.57
C ALA A 90 14.67 2.40 3.94
N ALA A 91 15.27 1.54 4.77
CA ALA A 91 15.89 0.32 4.26
C ALA A 91 14.86 -0.61 3.63
N GLU A 92 13.66 -0.68 4.21
CA GLU A 92 12.61 -1.49 3.61
C GLU A 92 12.29 -1.01 2.20
N GLN A 93 12.35 0.30 1.97
CA GLN A 93 12.09 0.83 0.64
C GLN A 93 13.23 0.56 -0.34
N LEU A 94 14.42 0.22 0.17
CA LEU A 94 15.54 -0.12 -0.71
C LEU A 94 15.28 -1.40 -1.51
N LYS A 95 14.36 -2.25 -1.06
CA LYS A 95 14.07 -3.49 -1.78
C LYS A 95 13.62 -3.21 -3.20
N CYS A 96 12.73 -2.23 -3.37
CA CYS A 96 12.25 -1.89 -4.71
C CYS A 96 13.39 -1.38 -5.59
N HIS A 97 14.25 -0.54 -5.03
CA HIS A 97 15.39 -0.03 -5.81
C HIS A 97 16.37 -1.14 -6.14
N ARG A 98 16.57 -2.08 -5.21
CA ARG A 98 17.43 -3.24 -5.48
C ARG A 98 16.89 -4.05 -6.64
N ASN A 99 15.58 -4.33 -6.64
CA ASN A 99 14.96 -5.04 -7.74
C ASN A 99 15.13 -4.28 -9.05
N ALA A 100 14.92 -2.96 -9.02
CA ALA A 100 14.99 -2.18 -10.25
C ALA A 100 16.39 -2.17 -10.84
N ALA A 101 17.42 -2.36 -10.02
CA ALA A 101 18.79 -2.26 -10.48
C ALA A 101 19.37 -3.59 -10.93
N ILE A 102 18.88 -4.72 -10.42
CA ILE A 102 19.55 -6.00 -10.56
C ILE A 102 18.67 -7.04 -11.25
N GLN A 103 17.38 -7.09 -10.92
CA GLN A 103 16.55 -8.26 -11.24
C GLN A 103 16.60 -8.63 -12.70
N LYS A 104 16.33 -7.67 -13.60
CA LYS A 104 16.25 -7.98 -15.02
C LYS A 104 17.59 -8.31 -15.66
N TYR A 105 18.70 -8.24 -14.91
CA TYR A 105 20.01 -8.62 -15.42
C TYR A 105 20.49 -9.95 -14.88
N LEU A 106 19.70 -10.64 -14.07
CA LEU A 106 20.09 -11.91 -13.48
C LEU A 106 19.82 -13.05 -14.45
N ALA B 1 -3.55 -7.43 -15.25
CA ALA B 1 -2.94 -6.16 -14.87
C ALA B 1 -2.27 -6.28 -13.50
N ASP B 2 -1.18 -5.54 -13.32
CA ASP B 2 -0.46 -5.58 -12.05
C ASP B 2 -1.27 -4.88 -10.97
N LEU B 3 -0.74 -4.89 -9.74
CA LEU B 3 -1.47 -4.35 -8.61
C LEU B 3 -1.66 -2.84 -8.75
N GLU B 4 -0.66 -2.13 -9.25
CA GLU B 4 -0.78 -0.68 -9.37
C GLU B 4 -1.86 -0.30 -10.39
N ASP B 5 -1.95 -1.04 -11.50
CA ASP B 5 -3.00 -0.78 -12.47
C ASP B 5 -4.38 -0.98 -11.85
N ASN B 6 -4.58 -2.11 -11.17
CA ASN B 6 -5.86 -2.38 -10.55
C ASN B 6 -6.17 -1.38 -9.44
N TRP B 7 -5.16 -0.91 -8.72
CA TRP B 7 -5.37 0.15 -7.74
C TRP B 7 -5.96 1.39 -8.41
N GLU B 8 -5.41 1.79 -9.55
CA GLU B 8 -5.95 2.94 -10.27
C GLU B 8 -7.37 2.67 -10.78
N THR B 9 -7.61 1.47 -11.31
CA THR B 9 -8.94 1.14 -11.80
C THR B 9 -9.98 1.20 -10.70
N LEU B 10 -9.66 0.65 -9.52
CA LEU B 10 -10.56 0.74 -8.38
C LEU B 10 -10.82 2.19 -8.00
N ASN B 11 -9.76 3.01 -7.98
CA ASN B 11 -9.90 4.43 -7.64
CA ASN B 11 -9.94 4.41 -7.62
C ASN B 11 -10.68 5.18 -8.71
N ASP B 12 -10.47 4.84 -9.98
CA ASP B 12 -11.23 5.47 -11.05
C ASP B 12 -12.74 5.29 -10.82
N ASN B 13 -13.15 4.09 -10.45
CA ASN B 13 -14.56 3.82 -10.23
C ASN B 13 -15.06 4.37 -8.90
N LEU B 14 -14.19 4.47 -7.89
CA LEU B 14 -14.57 5.13 -6.64
C LEU B 14 -14.92 6.59 -6.87
N LYS B 15 -14.18 7.26 -7.76
CA LYS B 15 -14.46 8.66 -8.07
C LYS B 15 -15.79 8.80 -8.80
N VAL B 16 -16.07 7.89 -9.73
CA VAL B 16 -17.34 7.91 -10.45
C VAL B 16 -18.51 7.75 -9.48
N ILE B 17 -18.39 6.78 -8.57
CA ILE B 17 -19.45 6.53 -7.60
C ILE B 17 -19.70 7.78 -6.75
N GLU B 18 -18.62 8.47 -6.35
CA GLU B 18 -18.76 9.64 -5.49
C GLU B 18 -19.53 10.76 -6.19
N LYS B 19 -19.33 10.91 -7.50
CA LYS B 19 -19.98 11.97 -8.26
C LYS B 19 -21.28 11.53 -8.92
N ALA B 20 -21.66 10.27 -8.76
CA ALA B 20 -22.82 9.73 -9.48
C ALA B 20 -24.12 10.35 -8.98
N ASP B 21 -25.13 10.32 -9.85
CA ASP B 21 -26.46 10.81 -9.53
C ASP B 21 -27.50 9.71 -9.38
N ASN B 22 -27.37 8.61 -10.10
CA ASN B 22 -28.38 7.56 -10.11
C ASN B 22 -27.75 6.21 -9.79
N ALA B 23 -28.61 5.22 -9.56
CA ALA B 23 -28.16 3.90 -9.15
C ALA B 23 -27.50 3.14 -10.29
N ALA B 24 -27.90 3.40 -11.54
CA ALA B 24 -27.29 2.71 -12.66
C ALA B 24 -25.81 3.08 -12.80
N GLN B 25 -25.47 4.34 -12.53
CA GLN B 25 -24.07 4.74 -12.55
C GLN B 25 -23.29 4.05 -11.45
N VAL B 26 -23.85 4.01 -10.23
CA VAL B 26 -23.17 3.36 -9.11
C VAL B 26 -23.01 1.87 -9.39
N LYS B 27 -24.05 1.23 -9.92
CA LYS B 27 -23.98 -0.20 -10.17
C LYS B 27 -22.93 -0.53 -11.23
N ASP B 28 -22.84 0.28 -12.29
CA ASP B 28 -21.87 0.02 -13.35
C ASP B 28 -20.45 0.12 -12.82
N ALA B 29 -20.17 1.13 -12.00
CA ALA B 29 -18.83 1.30 -11.46
C ALA B 29 -18.49 0.19 -10.47
N LEU B 30 -19.44 -0.19 -9.61
CA LEU B 30 -19.19 -1.26 -8.66
C LEU B 30 -18.92 -2.57 -9.37
N THR B 31 -19.63 -2.83 -10.47
CA THR B 31 -19.37 -4.04 -11.26
C THR B 31 -17.94 -4.05 -11.79
N LYS B 32 -17.45 -2.89 -12.23
CA LYS B 32 -16.07 -2.80 -12.69
C LYS B 32 -15.08 -2.98 -11.55
N MET B 33 -15.43 -2.50 -10.35
CA MET B 33 -14.56 -2.70 -9.20
C MET B 33 -14.44 -4.17 -8.85
N ARG B 34 -15.54 -4.92 -8.97
CA ARG B 34 -15.49 -6.35 -8.68
C ARG B 34 -14.52 -7.07 -9.62
N ALA B 35 -14.57 -6.72 -10.91
CA ALA B 35 -13.66 -7.34 -11.88
C ALA B 35 -12.21 -6.97 -11.59
N ALA B 36 -11.97 -5.72 -11.20
CA ALA B 36 -10.60 -5.30 -10.89
C ALA B 36 -10.09 -5.98 -9.62
N ALA B 37 -10.95 -6.11 -8.61
CA ALA B 37 -10.54 -6.80 -7.39
C ALA B 37 -10.19 -8.25 -7.69
N LEU B 38 -11.00 -8.93 -8.52
CA LEU B 38 -10.71 -10.30 -8.89
C LEU B 38 -9.46 -10.41 -9.75
N ASP B 39 -9.23 -9.42 -10.62
CA ASP B 39 -8.02 -9.43 -11.43
C ASP B 39 -6.77 -9.26 -10.56
N ALA B 40 -6.82 -8.32 -9.60
CA ALA B 40 -5.68 -8.09 -8.73
C ALA B 40 -5.38 -9.30 -7.87
N GLN B 41 -6.42 -10.05 -7.49
CA GLN B 41 -6.25 -11.27 -6.72
C GLN B 41 -5.36 -12.28 -7.44
N LYS B 42 -5.27 -12.22 -8.77
CA LYS B 42 -4.39 -13.12 -9.50
CA LYS B 42 -4.39 -13.10 -9.52
C LYS B 42 -2.97 -12.59 -9.62
N ALA B 43 -2.78 -11.27 -9.52
CA ALA B 43 -1.46 -10.67 -9.67
C ALA B 43 -0.56 -10.99 -8.49
N THR B 44 0.21 -12.05 -8.58
CA THR B 44 1.17 -12.39 -7.53
C THR B 44 2.28 -11.35 -7.52
N PRO B 45 2.40 -10.54 -6.47
CA PRO B 45 3.33 -9.41 -6.49
C PRO B 45 4.76 -9.87 -6.25
N PRO B 46 5.74 -8.95 -6.31
CA PRO B 46 7.14 -9.38 -6.06
C PRO B 46 7.37 -9.96 -4.67
N LYS B 47 6.72 -9.42 -3.64
CA LYS B 47 6.97 -9.85 -2.27
C LYS B 47 6.59 -11.30 -2.01
N LEU B 48 5.89 -11.96 -2.92
CA LEU B 48 5.47 -13.35 -2.74
C LEU B 48 5.90 -14.24 -3.91
N GLU B 49 6.92 -13.84 -4.65
CA GLU B 49 7.28 -14.55 -5.88
C GLU B 49 7.67 -15.99 -5.64
N ASP B 50 8.09 -16.34 -4.42
CA ASP B 50 8.50 -17.70 -4.08
C ASP B 50 7.72 -18.18 -2.85
N LYS B 51 6.39 -18.23 -2.99
CA LYS B 51 5.52 -18.73 -1.94
C LYS B 51 4.46 -19.64 -2.56
N SER B 52 4.32 -20.83 -1.99
CA SER B 52 3.37 -21.80 -2.53
C SER B 52 1.93 -21.31 -2.32
N PRO B 53 1.00 -21.74 -3.18
CA PRO B 53 -0.39 -21.24 -3.07
C PRO B 53 -1.08 -21.62 -1.77
N ASP B 54 -0.52 -22.54 -0.98
CA ASP B 54 -1.12 -22.94 0.28
C ASP B 54 -0.41 -22.32 1.49
N SER B 55 0.53 -21.41 1.25
CA SER B 55 1.22 -20.74 2.34
C SER B 55 0.31 -19.69 2.98
N PRO B 56 0.57 -19.35 4.26
CA PRO B 56 -0.23 -18.29 4.89
C PRO B 56 -0.08 -16.95 4.20
N GLU B 57 1.08 -16.66 3.62
CA GLU B 57 1.26 -15.39 2.92
C GLU B 57 0.35 -15.29 1.71
N MET B 58 0.17 -16.39 0.98
CA MET B 58 -0.75 -16.38 -0.15
C MET B 58 -2.19 -16.38 0.32
N TRP B 59 -2.48 -17.07 1.42
CA TRP B 59 -3.83 -17.01 2.01
C TRP B 59 -4.22 -15.58 2.31
N ASP B 60 -3.33 -14.83 2.98
CA ASP B 60 -3.62 -13.45 3.33
C ASP B 60 -3.83 -12.61 2.07
N PHE B 61 -2.93 -12.74 1.10
CA PHE B 61 -3.04 -11.97 -0.13
C PHE B 61 -4.36 -12.26 -0.85
N ARG B 62 -4.71 -13.54 -0.97
CA ARG B 62 -5.95 -13.90 -1.65
C ARG B 62 -7.17 -13.38 -0.90
N HIS B 63 -7.17 -13.51 0.42
CA HIS B 63 -8.36 -13.20 1.19
C HIS B 63 -8.56 -11.70 1.40
N GLY B 64 -7.51 -10.89 1.23
CA GLY B 64 -7.72 -9.45 1.22
C GLY B 64 -8.67 -9.04 0.11
N PHE B 65 -8.53 -9.64 -1.07
CA PHE B 65 -9.41 -9.33 -2.18
C PHE B 65 -10.77 -10.02 -2.06
N ASP B 66 -10.82 -11.19 -1.42
CA ASP B 66 -12.10 -11.80 -1.10
C ASP B 66 -12.94 -10.88 -0.23
N HIS B 67 -12.31 -10.26 0.78
CA HIS B 67 -13.04 -9.35 1.65
C HIS B 67 -13.53 -8.13 0.89
N LEU B 68 -12.68 -7.56 0.04
CA LEU B 68 -13.09 -6.43 -0.80
C LEU B 68 -14.25 -6.81 -1.71
N VAL B 69 -14.21 -8.01 -2.30
CA VAL B 69 -15.29 -8.45 -3.16
C VAL B 69 -16.58 -8.62 -2.36
N TYR B 70 -16.47 -9.11 -1.12
CA TYR B 70 -17.66 -9.29 -0.29
C TYR B 70 -18.40 -7.98 -0.09
N HIS B 71 -17.68 -6.90 0.18
CA HIS B 71 -18.34 -5.63 0.45
C HIS B 71 -18.67 -4.85 -0.81
N ILE B 72 -17.98 -5.12 -1.92
CA ILE B 72 -18.49 -4.66 -3.21
C ILE B 72 -19.85 -5.28 -3.50
N ASP B 73 -19.99 -6.58 -3.23
CA ASP B 73 -21.27 -7.25 -3.44
C ASP B 73 -22.35 -6.68 -2.54
N ASP B 74 -22.00 -6.32 -1.30
N ASP B 74 -22.00 -6.32 -1.30
CA ASP B 74 -22.97 -5.68 -0.42
CA ASP B 74 -22.97 -5.68 -0.42
C ASP B 74 -23.37 -4.31 -0.93
C ASP B 74 -23.37 -4.31 -0.93
N ALA B 75 -22.41 -3.55 -1.46
CA ALA B 75 -22.73 -2.25 -2.01
C ALA B 75 -23.54 -2.37 -3.30
N LEU B 76 -23.28 -3.41 -4.09
CA LEU B 76 -24.11 -3.69 -5.25
C LEU B 76 -25.55 -4.00 -4.84
N LYS B 77 -25.71 -4.70 -3.72
CA LYS B 77 -27.04 -4.99 -3.21
C LYS B 77 -27.81 -3.71 -2.90
N LEU B 78 -27.14 -2.73 -2.28
CA LEU B 78 -27.78 -1.45 -2.02
C LEU B 78 -28.12 -0.72 -3.32
N ALA B 79 -27.19 -0.71 -4.28
CA ALA B 79 -27.46 -0.06 -5.55
C ALA B 79 -28.60 -0.75 -6.30
N ASN B 80 -28.71 -2.07 -6.15
CA ASN B 80 -29.80 -2.80 -6.78
C ASN B 80 -31.15 -2.54 -6.13
N GLU B 81 -31.16 -1.96 -4.92
CA GLU B 81 -32.38 -1.47 -4.30
C GLU B 81 -32.69 -0.03 -4.68
N GLY B 82 -31.84 0.58 -5.51
CA GLY B 82 -32.01 1.99 -5.83
C GLY B 82 -31.60 2.94 -4.74
N LYS B 83 -30.98 2.45 -3.67
CA LYS B 83 -30.54 3.29 -2.56
C LYS B 83 -29.19 3.88 -2.92
N VAL B 84 -29.24 5.03 -3.60
CA VAL B 84 -28.02 5.61 -4.17
C VAL B 84 -27.07 6.08 -3.07
N LYS B 85 -27.58 6.89 -2.14
CA LYS B 85 -26.72 7.45 -1.11
C LYS B 85 -26.20 6.38 -0.16
N GLU B 86 -27.00 5.35 0.13
CA GLU B 86 -26.51 4.26 0.96
C GLU B 86 -25.42 3.48 0.22
N ALA B 87 -25.60 3.22 -1.08
CA ALA B 87 -24.57 2.55 -1.85
C ALA B 87 -23.31 3.40 -1.95
N GLN B 88 -23.48 4.72 -2.02
CA GLN B 88 -22.32 5.61 -2.06
C GLN B 88 -21.58 5.62 -0.74
N ALA B 89 -22.32 5.57 0.38
CA ALA B 89 -21.68 5.50 1.69
C ALA B 89 -20.91 4.19 1.85
N ALA B 90 -21.49 3.08 1.37
CA ALA B 90 -20.80 1.79 1.44
C ALA B 90 -19.56 1.79 0.55
N ALA B 91 -19.63 2.47 -0.60
CA ALA B 91 -18.48 2.53 -1.49
C ALA B 91 -17.33 3.32 -0.87
N GLU B 92 -17.64 4.36 -0.09
CA GLU B 92 -16.59 5.11 0.59
C GLU B 92 -15.83 4.24 1.57
N GLN B 93 -16.54 3.34 2.25
CA GLN B 93 -15.90 2.40 3.16
C GLN B 93 -15.06 1.35 2.44
N LEU B 94 -15.22 1.20 1.12
CA LEU B 94 -14.39 0.26 0.37
C LEU B 94 -12.94 0.72 0.30
N LYS B 95 -12.67 2.01 0.48
CA LYS B 95 -11.29 2.49 0.40
C LYS B 95 -10.40 1.83 1.45
N CYS B 96 -10.91 1.66 2.67
CA CYS B 96 -10.14 0.98 3.69
C CYS B 96 -9.86 -0.47 3.31
N HIS B 97 -10.87 -1.17 2.79
CA HIS B 97 -10.67 -2.55 2.37
C HIS B 97 -9.74 -2.62 1.17
N ARG B 98 -9.82 -1.63 0.27
CA ARG B 98 -8.87 -1.55 -0.84
C ARG B 98 -7.45 -1.44 -0.32
N ASN B 99 -7.22 -0.53 0.63
CA ASN B 99 -5.89 -0.37 1.21
C ASN B 99 -5.41 -1.67 1.86
N ALA B 100 -6.27 -2.31 2.64
CA ALA B 100 -5.87 -3.52 3.35
C ALA B 100 -5.48 -4.63 2.38
N ALA B 101 -6.07 -4.66 1.20
CA ALA B 101 -5.80 -5.75 0.26
C ALA B 101 -4.55 -5.51 -0.58
N ILE B 102 -4.18 -4.25 -0.82
CA ILE B 102 -3.21 -3.91 -1.86
C ILE B 102 -1.95 -3.28 -1.29
N GLN B 103 -2.08 -2.37 -0.33
CA GLN B 103 -1.02 -1.40 -0.06
C GLN B 103 0.28 -2.07 0.37
N LYS B 104 0.21 -3.12 1.20
CA LYS B 104 1.43 -3.75 1.69
C LYS B 104 2.12 -4.62 0.65
N TYR B 105 1.53 -4.77 -0.54
CA TYR B 105 2.12 -5.55 -1.62
C TYR B 105 2.64 -4.68 -2.76
N LEU B 106 2.55 -3.36 -2.63
CA LEU B 106 3.01 -2.44 -3.67
C LEU B 106 4.52 -2.20 -3.56
N ALA C 1 -4.49 22.78 -9.21
CA ALA C 1 -5.21 21.54 -9.45
C ALA C 1 -5.28 20.69 -8.19
N ASP C 2 -6.29 19.81 -8.13
CA ASP C 2 -6.43 18.90 -7.01
C ASP C 2 -5.35 17.83 -7.05
N LEU C 3 -5.12 17.18 -5.90
CA LEU C 3 -4.12 16.13 -5.83
C LEU C 3 -4.45 14.99 -6.78
N GLU C 4 -5.73 14.64 -6.90
CA GLU C 4 -6.13 13.56 -7.79
C GLU C 4 -5.85 13.91 -9.26
N ASP C 5 -5.97 15.19 -9.62
CA ASP C 5 -5.73 15.59 -11.01
C ASP C 5 -4.23 15.60 -11.32
N ASN C 6 -3.41 16.00 -10.34
CA ASN C 6 -1.96 15.92 -10.53
C ASN C 6 -1.48 14.49 -10.57
N TRP C 7 -2.09 13.62 -9.74
CA TRP C 7 -1.71 12.21 -9.73
C TRP C 7 -2.02 11.54 -11.07
N GLU C 8 -3.21 11.80 -11.62
CA GLU C 8 -3.55 11.27 -12.92
C GLU C 8 -2.58 11.77 -13.99
N THR C 9 -2.20 13.06 -13.92
CA THR C 9 -1.23 13.59 -14.85
C THR C 9 0.10 12.85 -14.76
N LEU C 10 0.54 12.54 -13.53
CA LEU C 10 1.82 11.86 -13.36
C LEU C 10 1.79 10.46 -13.98
N ASN C 11 0.78 9.65 -13.63
CA ASN C 11 0.75 8.28 -14.10
C ASN C 11 0.42 8.18 -15.59
N ASP C 12 -0.43 9.07 -16.10
CA ASP C 12 -0.79 9.01 -17.52
C ASP C 12 0.40 9.33 -18.40
N ASN C 13 1.15 10.38 -18.07
CA ASN C 13 2.30 10.74 -18.87
C ASN C 13 3.47 9.78 -18.67
N LEU C 14 3.53 9.09 -17.52
CA LEU C 14 4.51 8.04 -17.34
C LEU C 14 4.33 6.93 -18.37
N LYS C 15 3.06 6.55 -18.62
CA LYS C 15 2.78 5.58 -19.67
C LYS C 15 3.09 6.15 -21.05
N VAL C 16 2.82 7.45 -21.24
CA VAL C 16 3.13 8.11 -22.51
C VAL C 16 4.62 8.00 -22.80
N ILE C 17 5.46 8.13 -21.76
CA ILE C 17 6.90 8.05 -21.95
C ILE C 17 7.31 6.64 -22.35
N GLU C 18 6.70 5.63 -21.73
CA GLU C 18 7.13 4.24 -21.96
C GLU C 18 6.93 3.85 -23.42
N LYS C 19 5.83 4.26 -24.03
CA LYS C 19 5.54 3.91 -25.41
C LYS C 19 5.98 4.97 -26.41
N ALA C 20 6.63 6.04 -25.93
CA ALA C 20 7.05 7.12 -26.82
C ALA C 20 8.12 6.62 -27.79
N ASP C 21 8.31 7.38 -28.87
CA ASP C 21 9.24 7.02 -29.92
C ASP C 21 10.35 8.04 -30.14
N ASN C 22 10.04 9.32 -30.01
CA ASN C 22 11.00 10.39 -30.26
C ASN C 22 11.26 11.17 -28.98
N ALA C 23 12.32 11.97 -29.00
CA ALA C 23 12.68 12.77 -27.83
C ALA C 23 11.64 13.84 -27.52
N ALA C 24 11.01 14.41 -28.55
CA ALA C 24 10.04 15.47 -28.32
C ALA C 24 8.81 14.96 -27.57
N GLN C 25 8.40 13.72 -27.82
CA GLN C 25 7.25 13.15 -27.13
C GLN C 25 7.52 13.01 -25.63
N VAL C 26 8.69 12.47 -25.28
CA VAL C 26 9.04 12.31 -23.87
C VAL C 26 9.13 13.67 -23.19
N LYS C 27 9.64 14.67 -23.92
CA LYS C 27 9.89 15.98 -23.33
C LYS C 27 8.60 16.65 -22.89
N ASP C 28 7.59 16.65 -23.75
CA ASP C 28 6.32 17.29 -23.40
C ASP C 28 5.62 16.58 -22.25
N ALA C 29 5.73 15.24 -22.18
CA ALA C 29 5.14 14.51 -21.07
C ALA C 29 5.85 14.83 -19.75
N LEU C 30 7.19 14.85 -19.78
CA LEU C 30 7.94 15.17 -18.56
C LEU C 30 7.63 16.58 -18.08
N THR C 31 7.47 17.52 -19.03
CA THR C 31 7.14 18.90 -18.66
C THR C 31 5.82 18.97 -17.89
N LYS C 32 4.81 18.23 -18.35
CA LYS C 32 3.54 18.19 -17.63
C LYS C 32 3.69 17.51 -16.28
N MET C 33 4.46 16.43 -16.21
CA MET C 33 4.66 15.74 -14.94
C MET C 33 5.34 16.64 -13.93
N ARG C 34 6.30 17.46 -14.37
CA ARG C 34 7.02 18.31 -13.44
C ARG C 34 6.09 19.29 -12.74
N ALA C 35 5.24 19.98 -13.51
CA ALA C 35 4.31 20.92 -12.92
C ALA C 35 3.32 20.23 -11.98
N ALA C 36 2.92 18.99 -12.32
CA ALA C 36 2.00 18.27 -11.46
C ALA C 36 2.66 17.90 -10.13
N ALA C 37 3.90 17.40 -10.18
CA ALA C 37 4.61 17.09 -8.94
C ALA C 37 4.91 18.34 -8.14
N LEU C 38 5.14 19.47 -8.82
CA LEU C 38 5.21 20.75 -8.12
C LEU C 38 3.87 21.11 -7.50
N ASP C 39 2.80 21.05 -8.30
CA ASP C 39 1.48 21.44 -7.83
C ASP C 39 1.01 20.55 -6.68
N ALA C 40 1.40 19.27 -6.69
CA ALA C 40 0.94 18.35 -5.67
C ALA C 40 1.40 18.74 -4.26
N GLN C 41 2.51 19.48 -4.13
CA GLN C 41 3.03 19.81 -2.82
C GLN C 41 2.19 20.86 -2.10
N LYS C 42 1.20 21.45 -2.76
CA LYS C 42 0.28 22.36 -2.08
C LYS C 42 -0.90 21.63 -1.46
N ALA C 43 -1.24 20.44 -1.94
CA ALA C 43 -2.42 19.73 -1.49
C ALA C 43 -2.16 18.99 -0.19
N THR C 44 -3.24 18.45 0.38
CA THR C 44 -3.19 17.57 1.53
C THR C 44 -3.71 16.20 1.13
N PRO C 45 -2.94 15.12 1.34
CA PRO C 45 -3.38 13.80 0.89
C PRO C 45 -4.44 13.22 1.81
N PRO C 46 -5.19 12.22 1.34
CA PRO C 46 -6.28 11.67 2.18
C PRO C 46 -5.80 11.04 3.47
N LYS C 47 -4.69 10.31 3.44
CA LYS C 47 -4.19 9.65 4.65
C LYS C 47 -3.76 10.64 5.72
N LEU C 48 -3.57 11.91 5.38
CA LEU C 48 -3.16 12.94 6.35
C LEU C 48 -4.15 14.08 6.40
N GLU C 49 -5.43 13.80 6.12
CA GLU C 49 -6.45 14.84 6.11
C GLU C 49 -6.68 15.43 7.50
N ASP C 50 -6.36 14.69 8.56
CA ASP C 50 -6.57 15.17 9.92
C ASP C 50 -5.26 15.38 10.65
N LYS C 51 -4.31 16.08 10.03
CA LYS C 51 -3.06 16.42 10.66
C LYS C 51 -2.74 17.88 10.36
N SER C 52 -2.09 18.54 11.31
CA SER C 52 -1.77 19.95 11.15
C SER C 52 -0.87 20.14 9.94
N PRO C 53 -1.02 21.24 9.19
CA PRO C 53 -0.24 21.42 7.96
C PRO C 53 1.26 21.44 8.18
N ASP C 54 1.72 21.57 9.42
CA ASP C 54 3.15 21.59 9.72
CA ASP C 54 3.14 21.61 9.76
C ASP C 54 3.60 20.35 10.50
N SER C 55 2.84 19.26 10.38
CA SER C 55 3.16 18.02 11.07
C SER C 55 4.32 17.31 10.39
N PRO C 56 5.04 16.45 11.12
CA PRO C 56 6.13 15.69 10.50
C PRO C 56 5.67 14.75 9.40
N GLU C 57 4.41 14.33 9.41
CA GLU C 57 3.91 13.49 8.32
C GLU C 57 3.68 14.29 7.05
N MET C 58 3.28 15.56 7.18
CA MET C 58 3.13 16.41 6.00
C MET C 58 4.48 16.81 5.42
N TRP C 59 5.52 16.90 6.26
CA TRP C 59 6.86 17.10 5.74
C TRP C 59 7.25 15.98 4.80
N ASP C 60 6.98 14.73 5.20
CA ASP C 60 7.29 13.58 4.36
C ASP C 60 6.56 13.66 3.03
N PHE C 61 5.33 14.14 3.04
CA PHE C 61 4.53 14.17 1.81
C PHE C 61 5.10 15.17 0.81
N ARG C 62 5.35 16.40 1.25
CA ARG C 62 5.89 17.40 0.32
C ARG C 62 7.30 17.05 -0.11
N HIS C 63 8.12 16.56 0.83
CA HIS C 63 9.47 16.14 0.47
C HIS C 63 9.45 14.98 -0.53
N GLY C 64 8.52 14.05 -0.34
CA GLY C 64 8.43 12.92 -1.25
C GLY C 64 8.07 13.32 -2.66
N PHE C 65 7.11 14.24 -2.80
CA PHE C 65 6.73 14.70 -4.13
C PHE C 65 7.77 15.63 -4.73
N ASP C 66 8.54 16.33 -3.91
CA ASP C 66 9.64 17.12 -4.45
C ASP C 66 10.74 16.21 -4.99
N HIS C 67 10.96 15.05 -4.37
CA HIS C 67 11.89 14.08 -4.93
C HIS C 67 11.42 13.59 -6.29
N LEU C 68 10.11 13.53 -6.52
CA LEU C 68 9.60 13.24 -7.86
C LEU C 68 10.02 14.30 -8.86
N VAL C 69 9.98 15.58 -8.46
CA VAL C 69 10.48 16.64 -9.32
C VAL C 69 11.96 16.44 -9.62
N TYR C 70 12.74 16.08 -8.59
CA TYR C 70 14.17 15.83 -8.78
C TYR C 70 14.41 14.75 -9.83
N HIS C 71 13.63 13.67 -9.79
CA HIS C 71 13.76 12.62 -10.79
C HIS C 71 13.31 13.10 -12.16
N ILE C 72 12.24 13.90 -12.21
CA ILE C 72 11.74 14.40 -13.49
C ILE C 72 12.78 15.31 -14.14
N ASP C 73 13.48 16.11 -13.34
CA ASP C 73 14.53 16.97 -13.88
C ASP C 73 15.63 16.14 -14.54
N ASP C 74 16.01 15.02 -13.94
CA ASP C 74 17.05 14.17 -14.52
C ASP C 74 16.61 13.63 -15.88
N ALA C 75 15.38 13.13 -15.98
CA ALA C 75 14.88 12.63 -17.26
C ALA C 75 14.70 13.78 -18.25
N LEU C 76 14.29 14.96 -17.75
CA LEU C 76 14.12 16.11 -18.63
C LEU C 76 15.43 16.48 -19.31
N LYS C 77 16.54 16.48 -18.55
CA LYS C 77 17.83 16.86 -19.12
C LYS C 77 18.25 15.91 -20.23
N LEU C 78 18.08 14.60 -20.02
CA LEU C 78 18.43 13.64 -21.06
C LEU C 78 17.56 13.80 -22.29
N ALA C 79 16.28 14.08 -22.10
CA ALA C 79 15.38 14.31 -23.24
C ALA C 79 15.78 15.57 -24.00
N ASN C 80 16.17 16.62 -23.28
CA ASN C 80 16.64 17.85 -23.94
C ASN C 80 17.86 17.57 -24.80
N GLU C 81 18.69 16.60 -24.40
CA GLU C 81 19.86 16.19 -25.17
C GLU C 81 19.53 15.15 -26.23
N GLY C 82 18.24 14.89 -26.47
CA GLY C 82 17.85 13.93 -27.49
C GLY C 82 18.07 12.48 -27.15
N LYS C 83 18.45 12.17 -25.91
CA LYS C 83 18.71 10.80 -25.49
C LYS C 83 17.38 10.18 -25.07
N VAL C 84 16.71 9.54 -26.03
CA VAL C 84 15.34 9.07 -25.81
C VAL C 84 15.31 7.92 -24.81
N LYS C 85 16.06 6.85 -25.10
CA LYS C 85 16.00 5.67 -24.25
C LYS C 85 16.58 5.94 -22.87
N GLU C 86 17.55 6.85 -22.76
CA GLU C 86 18.08 7.19 -21.44
C GLU C 86 17.05 7.98 -20.63
N ALA C 87 16.33 8.90 -21.27
CA ALA C 87 15.28 9.63 -20.59
C ALA C 87 14.13 8.71 -20.18
N GLN C 88 13.88 7.66 -20.98
CA GLN C 88 12.86 6.69 -20.59
C GLN C 88 13.31 5.87 -19.39
N ALA C 89 14.57 5.45 -19.36
CA ALA C 89 15.08 4.70 -18.22
C ALA C 89 15.09 5.57 -16.96
N ALA C 90 15.38 6.87 -17.12
CA ALA C 90 15.37 7.77 -15.97
C ALA C 90 13.96 7.97 -15.44
N ALA C 91 12.97 8.07 -16.34
CA ALA C 91 11.59 8.18 -15.88
C ALA C 91 11.13 6.90 -15.19
N GLU C 92 11.69 5.75 -15.58
CA GLU C 92 11.33 4.49 -14.94
C GLU C 92 11.75 4.44 -13.49
N GLN C 93 12.76 5.24 -13.11
CA GLN C 93 13.18 5.31 -11.71
C GLN C 93 12.14 5.96 -10.81
N LEU C 94 11.08 6.52 -11.39
CA LEU C 94 10.00 7.09 -10.58
C LEU C 94 9.11 6.02 -9.97
N LYS C 95 9.11 4.81 -10.52
CA LYS C 95 8.05 3.85 -10.20
C LYS C 95 8.10 3.40 -8.74
N CYS C 96 9.29 3.13 -8.21
CA CYS C 96 9.40 2.77 -6.80
C CYS C 96 8.87 3.89 -5.91
N HIS C 97 9.20 5.13 -6.24
CA HIS C 97 8.71 6.25 -5.44
C HIS C 97 7.21 6.42 -5.64
N ARG C 98 6.71 6.18 -6.85
CA ARG C 98 5.28 6.24 -7.10
C ARG C 98 4.53 5.26 -6.22
N ASN C 99 5.02 4.02 -6.13
CA ASN C 99 4.37 3.02 -5.30
C ASN C 99 4.44 3.40 -3.81
N ALA C 100 5.59 3.91 -3.37
CA ALA C 100 5.71 4.32 -1.97
C ALA C 100 4.76 5.47 -1.64
N ALA C 101 4.49 6.35 -2.61
CA ALA C 101 3.58 7.45 -2.38
C ALA C 101 2.15 6.95 -2.22
N ILE C 102 1.77 5.92 -2.98
CA ILE C 102 0.46 5.30 -2.80
C ILE C 102 0.32 4.74 -1.40
N GLN C 103 1.32 3.95 -0.96
CA GLN C 103 1.26 3.34 0.36
C GLN C 103 1.18 4.38 1.47
N LYS C 104 2.00 5.43 1.36
CA LYS C 104 2.15 6.36 2.47
C LYS C 104 1.01 7.38 2.53
N TYR C 105 0.61 7.93 1.39
CA TYR C 105 -0.20 9.14 1.38
C TYR C 105 -1.60 8.97 0.79
N LEU C 106 -1.74 8.21 -0.29
CA LEU C 106 -3.01 8.16 -0.99
C LEU C 106 -3.98 7.16 -0.36
N ALA D 1 -20.62 -6.42 31.78
CA ALA D 1 -19.75 -5.55 31.01
C ALA D 1 -20.56 -4.54 30.19
N ASP D 2 -20.22 -3.26 30.34
CA ASP D 2 -20.91 -2.22 29.58
C ASP D 2 -20.29 -2.08 28.20
N LEU D 3 -20.80 -1.12 27.43
CA LEU D 3 -20.36 -0.97 26.04
C LEU D 3 -18.89 -0.57 25.95
N GLU D 4 -18.44 0.30 26.86
CA GLU D 4 -17.06 0.77 26.81
C GLU D 4 -16.07 -0.36 27.12
N ASP D 5 -16.44 -1.26 28.03
CA ASP D 5 -15.59 -2.43 28.26
C ASP D 5 -15.58 -3.35 27.05
N ASN D 6 -16.72 -3.48 26.37
CA ASN D 6 -16.78 -4.31 25.16
C ASN D 6 -15.81 -3.80 24.10
N TRP D 7 -15.74 -2.48 23.91
CA TRP D 7 -14.83 -1.93 22.92
C TRP D 7 -13.37 -2.19 23.30
N GLU D 8 -13.04 -2.04 24.58
CA GLU D 8 -11.68 -2.31 25.03
C GLU D 8 -11.34 -3.78 24.89
N THR D 9 -12.28 -4.67 25.22
CA THR D 9 -12.06 -6.10 25.02
C THR D 9 -11.73 -6.42 23.58
N LEU D 10 -12.44 -5.78 22.64
CA LEU D 10 -12.15 -5.98 21.22
C LEU D 10 -10.78 -5.42 20.85
N ASN D 11 -10.49 -4.20 21.31
CA ASN D 11 -9.23 -3.56 20.94
C ASN D 11 -8.04 -4.24 21.60
N ASP D 12 -8.16 -4.59 22.88
CA ASP D 12 -7.05 -5.23 23.59
C ASP D 12 -6.72 -6.58 22.98
N ASN D 13 -7.74 -7.40 22.71
CA ASN D 13 -7.49 -8.74 22.20
C ASN D 13 -7.07 -8.75 20.73
N LEU D 14 -7.43 -7.70 19.97
CA LEU D 14 -6.85 -7.53 18.65
C LEU D 14 -5.34 -7.46 18.71
N LYS D 15 -4.81 -6.78 19.75
CA LYS D 15 -3.37 -6.68 19.92
C LYS D 15 -2.76 -8.00 20.38
N VAL D 16 -3.49 -8.75 21.22
CA VAL D 16 -2.99 -10.04 21.69
C VAL D 16 -2.82 -11.00 20.52
N ILE D 17 -3.79 -11.02 19.61
CA ILE D 17 -3.70 -11.90 18.45
C ILE D 17 -2.53 -11.49 17.57
N GLU D 18 -2.32 -10.18 17.40
CA GLU D 18 -1.21 -9.69 16.58
C GLU D 18 0.12 -10.24 17.06
N LYS D 19 0.35 -10.22 18.36
CA LYS D 19 1.61 -10.68 18.95
C LYS D 19 1.58 -12.14 19.37
N ALA D 20 0.48 -12.86 19.13
CA ALA D 20 0.36 -14.24 19.55
C ALA D 20 1.34 -15.12 18.79
N ASP D 21 1.65 -16.27 19.38
N ASP D 21 1.64 -16.28 19.36
CA ASP D 21 2.59 -17.22 18.80
CA ASP D 21 2.58 -17.21 18.76
C ASP D 21 1.98 -18.57 18.44
C ASP D 21 1.98 -18.58 18.44
N ASN D 22 0.93 -19.00 19.14
CA ASN D 22 0.31 -20.29 18.90
C ASN D 22 -1.21 -20.13 18.77
N ALA D 23 -1.86 -21.24 18.38
CA ALA D 23 -3.29 -21.20 18.13
C ALA D 23 -4.10 -21.04 19.41
N ALA D 24 -3.59 -21.55 20.54
CA ALA D 24 -4.33 -21.46 21.79
C ALA D 24 -4.50 -20.01 22.23
N GLN D 25 -3.46 -19.21 22.06
CA GLN D 25 -3.55 -17.79 22.44
C GLN D 25 -4.53 -17.04 21.55
N VAL D 26 -4.53 -17.34 20.25
CA VAL D 26 -5.47 -16.70 19.34
C VAL D 26 -6.90 -17.12 19.64
N LYS D 27 -7.11 -18.43 19.84
CA LYS D 27 -8.43 -18.96 20.16
C LYS D 27 -9.02 -18.27 21.39
N ASP D 28 -8.24 -18.17 22.46
CA ASP D 28 -8.72 -17.57 23.70
C ASP D 28 -9.08 -16.10 23.49
N ALA D 29 -8.26 -15.37 22.74
CA ALA D 29 -8.53 -13.96 22.51
C ALA D 29 -9.78 -13.77 21.66
N LEU D 30 -9.93 -14.57 20.60
CA LEU D 30 -11.11 -14.47 19.73
C LEU D 30 -12.39 -14.84 20.48
N THR D 31 -12.30 -15.84 21.36
CA THR D 31 -13.47 -16.25 22.13
C THR D 31 -14.01 -15.11 22.98
N LYS D 32 -13.11 -14.33 23.58
CA LYS D 32 -13.53 -13.18 24.38
C LYS D 32 -14.07 -12.05 23.49
N MET D 33 -13.48 -11.88 22.31
CA MET D 33 -13.98 -10.86 21.39
C MET D 33 -15.37 -11.20 20.89
N ARG D 34 -15.64 -12.48 20.62
CA ARG D 34 -16.96 -12.87 20.14
C ARG D 34 -18.02 -12.54 21.18
N ALA D 35 -17.75 -12.79 22.46
CA ALA D 35 -18.72 -12.49 23.51
C ALA D 35 -18.94 -10.99 23.64
N ALA D 36 -17.88 -10.20 23.48
CA ALA D 36 -18.04 -8.74 23.57
C ALA D 36 -18.83 -8.19 22.40
N ALA D 37 -18.63 -8.74 21.20
CA ALA D 37 -19.35 -8.27 20.03
C ALA D 37 -20.82 -8.70 20.05
N LEU D 38 -21.12 -9.82 20.72
CA LEU D 38 -22.51 -10.19 20.95
C LEU D 38 -23.13 -9.30 22.02
N ASP D 39 -22.43 -9.12 23.14
N ASP D 39 -22.43 -9.10 23.14
CA ASP D 39 -22.96 -8.33 24.25
CA ASP D 39 -23.00 -8.33 24.24
C ASP D 39 -23.18 -6.87 23.87
C ASP D 39 -23.18 -6.87 23.88
N ALA D 40 -22.32 -6.33 23.00
CA ALA D 40 -22.45 -4.92 22.62
C ALA D 40 -23.77 -4.65 21.90
N GLN D 41 -24.32 -5.66 21.22
CA GLN D 41 -25.56 -5.46 20.47
C GLN D 41 -26.77 -5.26 21.37
N LYS D 42 -26.65 -5.51 22.67
CA LYS D 42 -27.71 -5.22 23.62
C LYS D 42 -27.56 -3.84 24.24
N ALA D 43 -26.49 -3.12 23.95
CA ALA D 43 -26.20 -1.83 24.55
C ALA D 43 -26.71 -0.70 23.65
N THR D 44 -26.56 0.53 24.14
CA THR D 44 -26.94 1.73 23.40
C THR D 44 -25.81 2.73 23.49
N PRO D 45 -25.27 3.20 22.36
CA PRO D 45 -24.19 4.20 22.40
C PRO D 45 -24.70 5.50 22.98
N PRO D 46 -23.88 6.20 23.78
CA PRO D 46 -24.33 7.48 24.36
C PRO D 46 -24.87 8.45 23.33
N LYS D 47 -24.25 8.54 22.14
CA LYS D 47 -24.73 9.45 21.11
C LYS D 47 -26.12 9.09 20.61
N LEU D 48 -26.56 7.85 20.82
CA LEU D 48 -27.88 7.39 20.38
C LEU D 48 -28.85 7.19 21.53
N GLU D 49 -28.52 7.68 22.73
CA GLU D 49 -29.36 7.45 23.90
C GLU D 49 -30.74 8.08 23.76
N ASP D 50 -30.90 9.08 22.91
CA ASP D 50 -32.17 9.77 22.74
C ASP D 50 -32.90 9.35 21.48
N LYS D 51 -32.50 8.26 20.85
CA LYS D 51 -33.18 7.74 19.67
C LYS D 51 -34.06 6.54 20.06
N SER D 52 -35.03 6.24 19.21
CA SER D 52 -35.87 5.09 19.44
C SER D 52 -35.09 3.80 19.19
N PRO D 53 -35.39 2.73 19.93
CA PRO D 53 -34.70 1.46 19.69
C PRO D 53 -34.89 0.90 18.29
N ASP D 54 -35.88 1.39 17.54
CA ASP D 54 -36.13 0.96 16.18
CA ASP D 54 -36.12 0.96 16.17
C ASP D 54 -35.57 1.95 15.14
N SER D 55 -34.82 2.95 15.58
CA SER D 55 -34.27 3.92 14.66
C SER D 55 -33.27 3.26 13.71
N PRO D 56 -33.05 3.83 12.53
CA PRO D 56 -32.04 3.27 11.62
C PRO D 56 -30.63 3.40 12.15
N GLU D 57 -30.37 4.32 13.08
CA GLU D 57 -29.04 4.42 13.68
C GLU D 57 -28.76 3.24 14.59
N MET D 58 -29.76 2.82 15.38
CA MET D 58 -29.57 1.65 16.23
C MET D 58 -29.55 0.36 15.42
N TRP D 59 -30.26 0.31 14.29
CA TRP D 59 -30.13 -0.83 13.37
C TRP D 59 -28.71 -0.94 12.87
N ASP D 60 -28.14 0.18 12.42
CA ASP D 60 -26.77 0.16 11.91
C ASP D 60 -25.77 -0.20 13.00
N PHE D 61 -26.01 0.28 14.22
CA PHE D 61 -25.12 -0.03 15.33
C PHE D 61 -25.08 -1.51 15.64
N ARG D 62 -26.26 -2.15 15.73
CA ARG D 62 -26.29 -3.58 16.04
C ARG D 62 -25.82 -4.40 14.84
N HIS D 63 -26.18 -3.96 13.63
CA HIS D 63 -25.73 -4.65 12.42
C HIS D 63 -24.21 -4.63 12.29
N GLY D 64 -23.60 -3.49 12.61
CA GLY D 64 -22.14 -3.40 12.50
C GLY D 64 -21.43 -4.31 13.48
N PHE D 65 -21.93 -4.40 14.71
CA PHE D 65 -21.31 -5.29 15.67
C PHE D 65 -21.51 -6.75 15.30
N ASP D 66 -22.65 -7.09 14.69
CA ASP D 66 -22.84 -8.48 14.28
C ASP D 66 -21.90 -8.86 13.15
N HIS D 67 -21.51 -7.89 12.32
CA HIS D 67 -20.51 -8.19 11.29
C HIS D 67 -19.15 -8.46 11.91
N LEU D 68 -18.85 -7.85 13.06
CA LEU D 68 -17.64 -8.22 13.79
C LEU D 68 -17.71 -9.68 14.23
N VAL D 69 -18.89 -10.13 14.68
CA VAL D 69 -19.06 -11.54 15.02
C VAL D 69 -18.77 -12.42 13.83
N TYR D 70 -19.29 -12.03 12.66
CA TYR D 70 -19.04 -12.77 11.42
C TYR D 70 -17.55 -12.91 11.15
N HIS D 71 -16.79 -11.82 11.28
CA HIS D 71 -15.35 -11.86 11.05
C HIS D 71 -14.63 -12.65 12.13
N ILE D 72 -15.07 -12.53 13.38
CA ILE D 72 -14.46 -13.30 14.46
C ILE D 72 -14.65 -14.79 14.22
N ASP D 73 -15.83 -15.18 13.70
CA ASP D 73 -16.09 -16.59 13.43
C ASP D 73 -15.15 -17.14 12.37
N ASP D 74 -14.88 -16.35 11.33
CA ASP D 74 -13.93 -16.78 10.30
C ASP D 74 -12.55 -17.02 10.90
N ALA D 75 -12.10 -16.11 11.76
CA ALA D 75 -10.79 -16.27 12.40
C ALA D 75 -10.79 -17.42 13.40
N LEU D 76 -11.92 -17.66 14.08
CA LEU D 76 -12.00 -18.75 15.04
C LEU D 76 -11.88 -20.10 14.35
N LYS D 77 -12.51 -20.25 13.18
CA LYS D 77 -12.43 -21.52 12.46
C LYS D 77 -10.99 -21.85 12.08
N LEU D 78 -10.23 -20.83 11.67
CA LEU D 78 -8.82 -21.05 11.33
C LEU D 78 -8.00 -21.40 12.56
N ALA D 79 -8.22 -20.67 13.66
CA ALA D 79 -7.51 -20.98 14.91
C ALA D 79 -7.85 -22.37 15.40
N ASN D 80 -9.13 -22.77 15.28
CA ASN D 80 -9.53 -24.12 15.67
C ASN D 80 -8.79 -25.18 14.87
N GLU D 81 -8.47 -24.89 13.61
CA GLU D 81 -7.74 -25.83 12.76
C GLU D 81 -6.23 -25.73 12.93
N GLY D 82 -5.76 -24.86 13.82
CA GLY D 82 -4.33 -24.72 14.06
C GLY D 82 -3.60 -23.79 13.11
N LYS D 83 -4.32 -23.07 12.25
CA LYS D 83 -3.69 -22.18 11.27
C LYS D 83 -3.51 -20.81 11.92
N VAL D 84 -2.36 -20.63 12.58
CA VAL D 84 -2.15 -19.45 13.41
C VAL D 84 -2.04 -18.19 12.56
N LYS D 85 -1.15 -18.22 11.56
CA LYS D 85 -0.93 -17.02 10.76
C LYS D 85 -2.17 -16.64 9.95
N GLU D 86 -2.89 -17.63 9.43
CA GLU D 86 -4.14 -17.34 8.73
C GLU D 86 -5.17 -16.73 9.68
N ALA D 87 -5.26 -17.25 10.91
CA ALA D 87 -6.18 -16.69 11.88
C ALA D 87 -5.82 -15.24 12.20
N GLN D 88 -4.53 -14.95 12.37
CA GLN D 88 -4.11 -13.58 12.62
C GLN D 88 -4.45 -12.67 11.45
N ALA D 89 -4.31 -13.18 10.23
CA ALA D 89 -4.66 -12.39 9.05
C ALA D 89 -6.16 -12.18 8.96
N ALA D 90 -6.94 -13.21 9.29
CA ALA D 90 -8.40 -13.07 9.32
C ALA D 90 -8.82 -12.06 10.37
N ALA D 91 -8.12 -12.03 11.50
CA ALA D 91 -8.45 -11.07 12.56
C ALA D 91 -8.12 -9.65 12.14
N GLU D 92 -7.09 -9.46 11.33
CA GLU D 92 -6.75 -8.11 10.84
C GLU D 92 -7.88 -7.53 9.99
N GLN D 93 -8.69 -8.39 9.38
CA GLN D 93 -9.84 -7.90 8.61
C GLN D 93 -10.84 -7.14 9.47
N LEU D 94 -10.77 -7.27 10.79
CA LEU D 94 -11.65 -6.53 11.69
C LEU D 94 -11.35 -5.02 11.70
N LYS D 95 -10.11 -4.63 11.36
CA LYS D 95 -9.64 -3.29 11.68
C LYS D 95 -10.45 -2.21 10.96
N CYS D 96 -10.69 -2.38 9.66
CA CYS D 96 -11.46 -1.38 8.92
C CYS D 96 -12.85 -1.24 9.50
N HIS D 97 -13.50 -2.36 9.83
CA HIS D 97 -14.83 -2.29 10.44
C HIS D 97 -14.78 -1.63 11.81
N ARG D 98 -13.79 -1.99 12.62
CA ARG D 98 -13.67 -1.39 13.96
C ARG D 98 -13.51 0.12 13.86
N ASN D 99 -12.59 0.58 13.01
CA ASN D 99 -12.36 2.03 12.88
C ASN D 99 -13.63 2.75 12.44
N ALA D 100 -14.35 2.19 11.47
CA ALA D 100 -15.59 2.81 11.01
C ALA D 100 -16.64 2.85 12.12
N ALA D 101 -16.71 1.79 12.93
CA ALA D 101 -17.66 1.77 14.04
C ALA D 101 -17.25 2.75 15.13
N ILE D 102 -15.95 2.86 15.38
CA ILE D 102 -15.45 3.79 16.40
C ILE D 102 -15.80 5.23 16.01
N GLN D 103 -15.56 5.59 14.75
CA GLN D 103 -15.84 6.95 14.30
C GLN D 103 -17.33 7.27 14.38
N LYS D 104 -18.18 6.27 14.22
CA LYS D 104 -19.62 6.52 14.15
C LYS D 104 -20.26 6.63 15.52
N TYR D 105 -19.88 5.77 16.46
CA TYR D 105 -20.63 5.61 17.70
C TYR D 105 -19.81 5.90 18.96
N LEU D 106 -18.63 6.49 18.83
CA LEU D 106 -17.85 6.86 20.00
C LEU D 106 -17.24 8.25 19.84
FE FE E . 15.17 8.49 -5.95
N NO F . 16.92 8.96 -5.91
O NO F . 17.23 9.87 -6.99
FE FE G . -16.26 -7.54 6.35
N NO H . -16.88 -8.92 5.49
O NO H . -16.46 -10.28 5.32
#